data_8OYW
#
_entry.id   8OYW
#
_cell.length_a   39.720
_cell.length_b   66.680
_cell.length_c   73.390
_cell.angle_alpha   90.000
_cell.angle_beta   90.000
_cell.angle_gamma   90.000
#
_symmetry.space_group_name_H-M   'P 21 21 21'
#
loop_
_entity.id
_entity.type
_entity.pdbx_description
1 polymer 'De novo designed soluble Rhomboid protease-like protein'
2 non-polymer 'SODIUM ION'
3 water water
#
_entity_poly.entity_id   1
_entity_poly.type   'polypeptide(L)'
_entity_poly.pdbx_seq_one_letter_code
;MSLSPLAKEFLDEIERIQAEVAKNGREAVAEKYAPKSLEDNEENREAAYRFLLVNFPDDFSEEDKKLLEDFFKWFSEHFP
EEFLKDLIYDTAFAAYVEAKKQGDPTLVLPITLYAAFLAFLEEWKKKYPESLTPELKELIEKLKELLEEAEKNDPRYKQA
QAPIAAAKEAAKKQFKKYTSGSGHHHHHH
;
_entity_poly.pdbx_strand_id   A
#
loop_
_chem_comp.id
_chem_comp.type
_chem_comp.name
_chem_comp.formula
NA non-polymer 'SODIUM ION' 'Na 1'
#
# COMPACT_ATOMS: atom_id res chain seq x y z
N LEU A 3 -13.52 11.63 5.86
CA LEU A 3 -12.50 10.60 6.00
C LEU A 3 -12.87 9.64 7.13
N SER A 4 -12.83 8.33 6.86
CA SER A 4 -12.98 7.36 7.94
C SER A 4 -11.84 7.57 8.94
N PRO A 5 -12.02 7.12 10.19
CA PRO A 5 -10.92 7.27 11.18
C PRO A 5 -9.60 6.66 10.70
N LEU A 6 -9.66 5.54 9.98
CA LEU A 6 -8.44 4.91 9.49
C LEU A 6 -7.80 5.72 8.37
N ALA A 7 -8.60 6.46 7.61
CA ALA A 7 -8.06 7.22 6.49
C ALA A 7 -7.27 8.43 6.96
N LYS A 8 -7.75 9.13 7.99
CA LYS A 8 -7.01 10.26 8.52
C LYS A 8 -5.73 9.80 9.18
N GLU A 9 -5.82 8.77 10.03
CA GLU A 9 -4.62 8.22 10.64
C GLU A 9 -3.55 7.95 9.61
N PHE A 10 -3.92 7.42 8.44
CA PHE A 10 -2.94 7.05 7.43
C PHE A 10 -2.09 8.24 7.00
N LEU A 11 -2.73 9.31 6.51
CA LEU A 11 -1.97 10.45 6.02
C LEU A 11 -1.28 11.19 7.16
N ASP A 12 -1.89 11.21 8.34
CA ASP A 12 -1.24 11.85 9.48
C ASP A 12 -0.01 11.07 9.91
N GLU A 13 -0.08 9.74 9.90
CA GLU A 13 1.08 8.95 10.31
C GLU A 13 2.21 9.11 9.31
N ILE A 14 1.89 9.25 8.03
CA ILE A 14 2.94 9.53 7.07
C ILE A 14 3.68 10.81 7.45
N GLU A 15 2.93 11.87 7.77
CA GLU A 15 3.55 13.16 8.08
C GLU A 15 4.32 13.12 9.39
N ARG A 16 3.80 12.37 10.38
CA ARG A 16 4.51 12.24 11.65
C ARG A 16 5.87 11.59 11.43
N ILE A 17 5.91 10.50 10.66
CA ILE A 17 7.16 9.82 10.39
C ILE A 17 8.07 10.68 9.53
N GLN A 18 7.50 11.42 8.58
CA GLN A 18 8.28 12.32 7.75
C GLN A 18 8.99 13.36 8.61
N ALA A 19 8.34 13.83 9.67
CA ALA A 19 9.01 14.75 10.57
C ALA A 19 10.17 14.10 11.30
N GLU A 20 10.02 12.82 11.66
CA GLU A 20 11.13 12.10 12.28
C GLU A 20 12.31 11.99 11.33
N VAL A 21 12.04 11.72 10.04
CA VAL A 21 13.11 11.60 9.05
C VAL A 21 13.84 12.93 8.87
N ALA A 22 13.11 14.04 8.90
CA ALA A 22 13.77 15.34 8.75
C ALA A 22 14.76 15.59 9.86
N LYS A 23 14.49 15.02 11.05
CA LYS A 23 15.30 15.22 12.24
C LYS A 23 16.42 14.21 12.35
N ASN A 24 16.12 12.93 12.10
CA ASN A 24 17.02 11.82 12.38
C ASN A 24 17.57 11.12 11.15
N GLY A 25 17.07 11.45 9.97
CA GLY A 25 17.53 10.76 8.78
C GLY A 25 16.76 9.48 8.53
N ARG A 26 16.64 9.14 7.23
CA ARG A 26 15.77 8.03 6.84
CA ARG A 26 15.76 8.04 6.86
C ARG A 26 16.31 6.69 7.30
N GLU A 27 17.63 6.52 7.29
CA GLU A 27 18.18 5.23 7.70
C GLU A 27 17.83 4.92 9.14
N ALA A 28 17.95 5.89 10.03
CA ALA A 28 17.65 5.66 11.44
C ALA A 28 16.16 5.38 11.66
N VAL A 29 15.31 6.11 10.95
CA VAL A 29 13.87 5.98 11.12
C VAL A 29 13.39 4.64 10.56
N ALA A 30 13.94 4.22 9.42
CA ALA A 30 13.60 2.91 8.89
C ALA A 30 14.01 1.81 9.86
N GLU A 31 15.18 1.94 10.47
CA GLU A 31 15.63 0.95 11.45
C GLU A 31 14.71 0.91 12.67
N LYS A 32 14.21 2.07 13.07
CA LYS A 32 13.29 2.13 14.22
C LYS A 32 12.01 1.34 13.95
N TYR A 33 11.46 1.45 12.75
CA TYR A 33 10.14 0.90 12.44
C TYR A 33 10.19 -0.45 11.75
N ALA A 34 11.37 -0.97 11.43
CA ALA A 34 11.45 -2.27 10.79
C ALA A 34 10.90 -3.37 11.69
N PRO A 35 10.16 -4.34 11.14
CA PRO A 35 9.71 -5.46 11.96
C PRO A 35 10.89 -6.12 12.68
N LYS A 36 10.65 -6.53 13.91
CA LYS A 36 11.70 -7.15 14.72
C LYS A 36 12.04 -8.56 14.22
N SER A 37 11.10 -9.23 13.56
CA SER A 37 11.35 -10.53 12.98
C SER A 37 10.42 -10.71 11.79
N LEU A 38 10.55 -11.84 11.11
CA LEU A 38 9.69 -12.18 9.99
C LEU A 38 8.45 -12.98 10.41
N GLU A 39 8.25 -13.20 11.71
CA GLU A 39 7.09 -13.94 12.17
C GLU A 39 5.80 -13.20 11.82
N ASP A 40 4.79 -13.95 11.40
CA ASP A 40 3.53 -13.36 10.93
C ASP A 40 2.60 -13.18 12.13
N ASN A 41 2.86 -12.12 12.89
CA ASN A 41 2.02 -11.74 14.01
C ASN A 41 1.58 -10.29 13.85
N GLU A 42 0.67 -9.86 14.72
CA GLU A 42 0.07 -8.53 14.59
C GLU A 42 1.11 -7.45 14.78
N GLU A 43 2.07 -7.67 15.68
CA GLU A 43 3.10 -6.66 15.93
C GLU A 43 3.95 -6.44 14.69
N ASN A 44 4.40 -7.54 14.07
CA ASN A 44 5.25 -7.40 12.89
C ASN A 44 4.48 -6.89 11.69
N ARG A 45 3.20 -7.22 11.56
CA ARG A 45 2.42 -6.68 10.44
C ARG A 45 2.25 -5.16 10.57
N GLU A 46 1.95 -4.70 11.78
CA GLU A 46 1.84 -3.26 12.01
C GLU A 46 3.16 -2.56 11.78
N ALA A 47 4.27 -3.20 12.17
CA ALA A 47 5.58 -2.59 11.94
C ALA A 47 5.87 -2.47 10.44
N ALA A 48 5.55 -3.52 9.68
CA ALA A 48 5.75 -3.47 8.23
C ALA A 48 4.96 -2.33 7.61
N TYR A 49 3.76 -2.05 8.11
CA TYR A 49 3.00 -0.89 7.67
C TYR A 49 3.74 0.42 7.95
N ARG A 50 4.24 0.60 9.17
CA ARG A 50 5.00 1.83 9.44
C ARG A 50 6.29 1.91 8.63
N PHE A 51 6.95 0.76 8.41
CA PHE A 51 8.17 0.73 7.62
C PHE A 51 7.89 1.18 6.19
N LEU A 52 6.73 0.79 5.66
CA LEU A 52 6.31 1.26 4.35
C LEU A 52 6.11 2.76 4.34
N LEU A 53 5.51 3.30 5.41
CA LEU A 53 5.21 4.72 5.44
C LEU A 53 6.47 5.57 5.43
N VAL A 54 7.59 5.05 5.95
CA VAL A 54 8.85 5.80 5.92
C VAL A 54 9.18 6.23 4.50
N ASN A 55 8.84 5.39 3.52
CA ASN A 55 9.20 5.61 2.13
C ASN A 55 8.11 6.29 1.32
N PHE A 56 7.10 6.85 1.96
CA PHE A 56 5.97 7.36 1.21
C PHE A 56 6.14 8.79 0.73
N PRO A 57 6.71 9.70 1.53
CA PRO A 57 6.75 11.11 1.11
C PRO A 57 7.49 11.35 -0.19
N ASP A 58 8.46 10.51 -0.55
CA ASP A 58 9.22 10.70 -1.77
C ASP A 58 8.30 10.60 -2.98
N ASP A 59 8.12 11.72 -3.70
CA ASP A 59 7.27 11.76 -4.88
C ASP A 59 5.82 11.42 -4.53
N PHE A 60 5.28 12.10 -3.51
CA PHE A 60 3.92 11.88 -3.01
C PHE A 60 3.09 13.10 -3.37
N SER A 61 2.44 13.06 -4.52
CA SER A 61 1.76 14.22 -5.06
C SER A 61 0.37 14.37 -4.43
N GLU A 62 -0.20 15.57 -4.58
CA GLU A 62 -1.58 15.77 -4.12
CA GLU A 62 -1.58 15.78 -4.14
C GLU A 62 -2.55 14.87 -4.89
N GLU A 63 -2.20 14.53 -6.15
CA GLU A 63 -3.02 13.59 -6.91
CA GLU A 63 -3.02 13.60 -6.90
C GLU A 63 -2.93 12.19 -6.34
N ASP A 64 -1.76 11.80 -5.83
CA ASP A 64 -1.63 10.48 -5.21
C ASP A 64 -2.42 10.43 -3.91
N LYS A 65 -2.37 11.53 -3.12
CA LYS A 65 -3.13 11.59 -1.88
C LYS A 65 -4.62 11.48 -2.16
N LYS A 66 -5.12 12.25 -3.13
CA LYS A 66 -6.55 12.17 -3.43
C LYS A 66 -6.96 10.78 -3.93
N LEU A 67 -6.09 10.12 -4.70
CA LEU A 67 -6.38 8.76 -5.13
C LEU A 67 -6.52 7.80 -3.95
N LEU A 68 -5.62 7.92 -2.96
CA LEU A 68 -5.74 7.11 -1.76
C LEU A 68 -7.04 7.42 -1.05
N GLU A 69 -7.36 8.70 -0.87
CA GLU A 69 -8.63 9.04 -0.23
C GLU A 69 -9.82 8.45 -0.97
N ASP A 70 -9.81 8.52 -2.31
CA ASP A 70 -10.92 7.95 -3.10
C ASP A 70 -11.03 6.45 -2.91
N PHE A 71 -9.88 5.75 -2.86
CA PHE A 71 -9.91 4.32 -2.62
C PHE A 71 -10.46 4.01 -1.24
N PHE A 72 -9.97 4.73 -0.22
CA PHE A 72 -10.46 4.50 1.14
C PHE A 72 -11.96 4.71 1.23
N LYS A 73 -12.47 5.77 0.59
CA LYS A 73 -13.91 6.04 0.61
C LYS A 73 -14.69 4.90 -0.04
N TRP A 74 -14.24 4.45 -1.21
CA TRP A 74 -14.91 3.36 -1.91
C TRP A 74 -14.89 2.09 -1.06
N PHE A 75 -13.73 1.75 -0.51
CA PHE A 75 -13.59 0.54 0.28
C PHE A 75 -14.55 0.58 1.46
N SER A 76 -14.60 1.72 2.17
CA SER A 76 -15.43 1.85 3.35
C SER A 76 -16.93 1.79 3.04
N GLU A 77 -17.32 2.17 1.82
CA GLU A 77 -18.71 2.05 1.39
C GLU A 77 -19.11 0.59 1.21
N HIS A 78 -18.15 -0.30 0.98
CA HIS A 78 -18.43 -1.70 0.63
C HIS A 78 -18.06 -2.75 1.68
N PHE A 79 -17.24 -2.40 2.67
CA PHE A 79 -16.66 -3.34 3.60
C PHE A 79 -16.51 -2.71 4.97
N PRO A 80 -16.52 -3.51 6.03
CA PRO A 80 -16.20 -3.00 7.36
C PRO A 80 -14.82 -2.35 7.42
N GLU A 81 -14.69 -1.37 8.31
CA GLU A 81 -13.44 -0.62 8.45
C GLU A 81 -12.27 -1.53 8.80
N GLU A 82 -12.51 -2.56 9.62
CA GLU A 82 -11.42 -3.43 10.05
C GLU A 82 -10.78 -4.17 8.89
N PHE A 83 -11.53 -4.37 7.80
CA PHE A 83 -10.99 -5.08 6.67
C PHE A 83 -9.97 -4.22 5.92
N LEU A 84 -10.14 -2.89 5.97
CA LEU A 84 -9.16 -2.01 5.32
C LEU A 84 -7.82 -2.06 6.02
N LYS A 85 -7.83 -1.97 7.37
CA LYS A 85 -6.62 -2.11 8.16
C LYS A 85 -5.92 -3.42 7.85
N ASP A 86 -6.68 -4.52 7.86
CA ASP A 86 -6.08 -5.82 7.60
C ASP A 86 -5.48 -5.87 6.21
N LEU A 87 -6.16 -5.26 5.22
CA LEU A 87 -5.62 -5.28 3.86
C LEU A 87 -4.29 -4.56 3.79
N ILE A 88 -4.23 -3.37 4.39
CA ILE A 88 -3.01 -2.58 4.37
C ILE A 88 -1.87 -3.29 5.10
N TYR A 89 -2.13 -3.81 6.29
CA TYR A 89 -1.10 -4.46 7.07
C TYR A 89 -0.63 -5.75 6.41
N ASP A 90 -1.56 -6.54 5.83
CA ASP A 90 -1.18 -7.82 5.25
C ASP A 90 -0.37 -7.62 3.99
N THR A 91 -0.72 -6.62 3.19
CA THR A 91 0.03 -6.37 1.97
C THR A 91 1.40 -5.76 2.27
N ALA A 92 1.47 -4.85 3.24
CA ALA A 92 2.77 -4.30 3.64
C ALA A 92 3.69 -5.39 4.18
N PHE A 93 3.15 -6.28 5.02
CA PHE A 93 3.95 -7.38 5.56
C PHE A 93 4.42 -8.32 4.46
N ALA A 94 3.53 -8.69 3.52
CA ALA A 94 3.95 -9.58 2.46
C ALA A 94 5.08 -8.95 1.65
N ALA A 95 4.95 -7.67 1.34
CA ALA A 95 6.00 -6.98 0.60
C ALA A 95 7.32 -6.98 1.37
N TYR A 96 7.25 -6.70 2.68
CA TYR A 96 8.46 -6.62 3.48
C TYR A 96 9.16 -7.97 3.54
N VAL A 97 8.40 -9.05 3.81
CA VAL A 97 9.02 -10.36 3.91
C VAL A 97 9.74 -10.71 2.60
N GLU A 98 9.10 -10.45 1.47
CA GLU A 98 9.72 -10.78 0.19
C GLU A 98 10.94 -9.91 -0.08
N ALA A 99 10.84 -8.61 0.20
CA ALA A 99 11.99 -7.72 0.05
C ALA A 99 13.16 -8.17 0.92
N LYS A 100 12.87 -8.55 2.16
CA LYS A 100 13.94 -9.01 3.04
C LYS A 100 14.58 -10.28 2.50
N LYS A 101 13.78 -11.19 1.95
CA LYS A 101 14.35 -12.39 1.36
C LYS A 101 15.23 -12.04 0.16
N GLN A 102 14.84 -11.02 -0.60
CA GLN A 102 15.64 -10.57 -1.73
C GLN A 102 16.88 -9.79 -1.31
N GLY A 103 16.97 -9.39 -0.05
CA GLY A 103 18.17 -8.73 0.44
C GLY A 103 18.15 -7.22 0.37
N ASP A 104 17.00 -6.60 0.18
CA ASP A 104 16.92 -5.14 0.09
C ASP A 104 15.57 -4.68 0.63
N PRO A 105 15.49 -4.40 1.93
CA PRO A 105 14.21 -3.90 2.49
C PRO A 105 13.77 -2.57 1.93
N THR A 106 14.65 -1.82 1.26
CA THR A 106 14.23 -0.55 0.67
C THR A 106 13.31 -0.74 -0.54
N LEU A 107 13.04 -1.98 -0.96
CA LEU A 107 12.08 -2.24 -2.02
C LEU A 107 10.63 -2.16 -1.55
N VAL A 108 10.38 -2.01 -0.26
CA VAL A 108 9.04 -1.81 0.25
C VAL A 108 8.60 -0.39 -0.11
N LEU A 109 8.16 -0.21 -1.34
CA LEU A 109 7.87 1.09 -1.91
C LEU A 109 6.38 1.34 -1.95
N PRO A 110 5.95 2.60 -1.97
CA PRO A 110 4.51 2.88 -2.10
C PRO A 110 3.84 2.14 -3.25
N ILE A 111 4.54 1.92 -4.36
CA ILE A 111 3.91 1.24 -5.49
C ILE A 111 3.40 -0.13 -5.08
N THR A 112 4.01 -0.75 -4.06
CA THR A 112 3.53 -2.06 -3.64
CA THR A 112 3.53 -2.06 -3.64
C THR A 112 2.10 -1.97 -3.13
N LEU A 113 1.80 -0.90 -2.39
CA LEU A 113 0.45 -0.66 -1.87
C LEU A 113 -0.52 -0.31 -2.99
N TYR A 114 -0.12 0.58 -3.91
CA TYR A 114 -1.00 0.90 -5.03
C TYR A 114 -1.31 -0.33 -5.87
N ALA A 115 -0.30 -1.16 -6.12
CA ALA A 115 -0.51 -2.39 -6.89
C ALA A 115 -1.45 -3.34 -6.17
N ALA A 116 -1.32 -3.44 -4.85
CA ALA A 116 -2.22 -4.28 -4.08
C ALA A 116 -3.65 -3.76 -4.15
N PHE A 117 -3.85 -2.44 -4.06
CA PHE A 117 -5.20 -1.90 -4.15
C PHE A 117 -5.77 -2.16 -5.53
N LEU A 118 -4.95 -2.02 -6.56
CA LEU A 118 -5.44 -2.30 -7.91
C LEU A 118 -5.86 -3.76 -8.04
N ALA A 119 -5.03 -4.68 -7.54
CA ALA A 119 -5.37 -6.10 -7.58
C ALA A 119 -6.69 -6.38 -6.88
N PHE A 120 -6.89 -5.80 -5.71
CA PHE A 120 -8.15 -5.93 -5.00
C PHE A 120 -9.33 -5.48 -5.86
N LEU A 121 -9.21 -4.30 -6.46
CA LEU A 121 -10.29 -3.78 -7.30
C LEU A 121 -10.53 -4.67 -8.52
N GLU A 122 -9.47 -5.23 -9.10
CA GLU A 122 -9.67 -6.12 -10.23
C GLU A 122 -10.38 -7.40 -9.82
N GLU A 123 -10.13 -7.91 -8.61
CA GLU A 123 -10.89 -9.07 -8.14
C GLU A 123 -12.36 -8.70 -7.93
N TRP A 124 -12.61 -7.50 -7.42
CA TRP A 124 -13.99 -7.05 -7.19
C TRP A 124 -14.72 -6.95 -8.53
N LYS A 125 -14.03 -6.39 -9.54
CA LYS A 125 -14.62 -6.24 -10.87
C LYS A 125 -14.94 -7.61 -11.47
N LYS A 126 -14.09 -8.61 -11.22
CA LYS A 126 -14.34 -9.94 -11.75
C LYS A 126 -15.53 -10.59 -11.07
N LYS A 127 -15.71 -10.36 -9.77
CA LYS A 127 -16.76 -11.03 -9.01
C LYS A 127 -18.12 -10.37 -9.21
N TYR A 128 -18.14 -9.06 -9.45
CA TYR A 128 -19.39 -8.29 -9.55
C TYR A 128 -19.46 -7.58 -10.89
N PRO A 129 -19.45 -8.33 -11.99
CA PRO A 129 -19.36 -7.69 -13.31
C PRO A 129 -20.56 -6.83 -13.67
N GLU A 130 -21.70 -7.03 -13.01
CA GLU A 130 -22.90 -6.24 -13.25
C GLU A 130 -23.11 -5.16 -12.20
N SER A 131 -22.05 -4.80 -11.47
CA SER A 131 -22.16 -3.82 -10.40
C SER A 131 -21.13 -2.73 -10.56
N LEU A 132 -20.55 -2.56 -11.75
CA LEU A 132 -19.51 -1.56 -11.95
C LEU A 132 -20.13 -0.17 -11.98
N THR A 133 -19.40 0.81 -11.45
CA THR A 133 -19.84 2.19 -11.38
C THR A 133 -18.73 3.07 -11.92
N PRO A 134 -19.06 4.30 -12.34
CA PRO A 134 -18.00 5.22 -12.78
C PRO A 134 -16.94 5.43 -11.73
N GLU A 135 -17.31 5.43 -10.45
CA GLU A 135 -16.32 5.60 -9.38
C GLU A 135 -15.28 4.48 -9.42
N LEU A 136 -15.72 3.24 -9.57
CA LEU A 136 -14.78 2.12 -9.60
C LEU A 136 -13.92 2.16 -10.85
N LYS A 137 -14.56 2.40 -11.99
CA LYS A 137 -13.82 2.46 -13.25
C LYS A 137 -12.73 3.51 -13.19
N GLU A 138 -13.00 4.66 -12.56
CA GLU A 138 -12.00 5.74 -12.48
C GLU A 138 -10.86 5.35 -11.55
N LEU A 139 -11.17 4.70 -10.43
CA LEU A 139 -10.12 4.24 -9.52
C LEU A 139 -9.18 3.28 -10.23
N ILE A 140 -9.73 2.31 -10.97
CA ILE A 140 -8.89 1.35 -11.67
C ILE A 140 -8.02 2.07 -12.71
N GLU A 141 -8.63 2.96 -13.50
CA GLU A 141 -7.87 3.67 -14.53
C GLU A 141 -6.71 4.46 -13.91
N LYS A 142 -6.98 5.16 -12.81
CA LYS A 142 -5.96 6.02 -12.20
C LYS A 142 -4.86 5.21 -11.54
N LEU A 143 -5.19 4.05 -10.96
CA LEU A 143 -4.14 3.19 -10.41
C LEU A 143 -3.29 2.58 -11.50
N LYS A 144 -3.90 2.14 -12.61
CA LYS A 144 -3.10 1.66 -13.73
C LYS A 144 -2.16 2.75 -14.24
N GLU A 145 -2.65 3.99 -14.37
CA GLU A 145 -1.81 5.07 -14.86
C GLU A 145 -0.67 5.36 -13.92
N LEU A 146 -0.92 5.30 -12.60
CA LEU A 146 0.15 5.53 -11.63
C LEU A 146 1.23 4.47 -11.78
N LEU A 147 0.83 3.21 -11.91
CA LEU A 147 1.82 2.16 -12.04
C LEU A 147 2.52 2.22 -13.39
N GLU A 148 1.80 2.64 -14.44
CA GLU A 148 2.44 2.87 -15.74
C GLU A 148 3.53 3.94 -15.66
N GLU A 149 3.26 5.02 -14.91
CA GLU A 149 4.25 6.07 -14.76
CA GLU A 149 4.25 6.07 -14.76
C GLU A 149 5.46 5.60 -13.96
N ALA A 150 5.25 4.71 -12.98
CA ALA A 150 6.37 4.19 -12.21
C ALA A 150 7.22 3.24 -13.06
N GLU A 151 6.57 2.46 -13.92
CA GLU A 151 7.31 1.56 -14.79
C GLU A 151 8.20 2.36 -15.73
N LYS A 152 7.74 3.53 -16.15
CA LYS A 152 8.51 4.34 -17.07
C LYS A 152 9.62 5.12 -16.38
N ASN A 153 9.36 5.65 -15.19
CA ASN A 153 10.23 6.65 -14.61
C ASN A 153 10.88 6.27 -13.28
N ASP A 154 10.50 5.16 -12.66
CA ASP A 154 11.11 4.78 -11.39
C ASP A 154 12.17 3.72 -11.63
N PRO A 155 13.46 4.02 -11.42
CA PRO A 155 14.50 3.01 -11.72
C PRO A 155 14.34 1.71 -10.96
N ARG A 156 13.64 1.72 -9.84
CA ARG A 156 13.52 0.53 -8.99
C ARG A 156 12.33 -0.35 -9.33
N TYR A 157 11.56 -0.01 -10.36
CA TYR A 157 10.32 -0.74 -10.63
C TYR A 157 10.60 -2.23 -10.89
N LYS A 158 11.57 -2.52 -11.76
CA LYS A 158 11.87 -3.92 -12.08
C LYS A 158 12.39 -4.67 -10.87
N GLN A 159 13.27 -4.04 -10.09
CA GLN A 159 13.82 -4.68 -8.89
C GLN A 159 12.74 -4.97 -7.86
N ALA A 160 11.63 -4.23 -7.87
CA ALA A 160 10.55 -4.41 -6.92
C ALA A 160 9.49 -5.39 -7.40
N GLN A 161 9.75 -6.13 -8.48
CA GLN A 161 8.74 -7.01 -9.05
C GLN A 161 8.27 -8.04 -8.03
N ALA A 162 9.21 -8.69 -7.33
CA ALA A 162 8.81 -9.76 -6.41
C ALA A 162 8.04 -9.20 -5.22
N PRO A 163 8.48 -8.14 -4.54
CA PRO A 163 7.64 -7.59 -3.45
C PRO A 163 6.27 -7.12 -3.91
N ILE A 164 6.19 -6.53 -5.11
CA ILE A 164 4.90 -6.11 -5.64
C ILE A 164 4.01 -7.33 -5.85
N ALA A 165 4.57 -8.40 -6.41
CA ALA A 165 3.78 -9.62 -6.65
C ALA A 165 3.28 -10.21 -5.33
N ALA A 166 4.12 -10.17 -4.30
CA ALA A 166 3.70 -10.71 -3.01
C ALA A 166 2.56 -9.88 -2.43
N ALA A 167 2.63 -8.56 -2.57
CA ALA A 167 1.54 -7.72 -2.10
C ALA A 167 0.25 -7.96 -2.88
N LYS A 168 0.35 -8.13 -4.21
CA LYS A 168 -0.84 -8.42 -5.01
C LYS A 168 -1.47 -9.75 -4.59
N GLU A 169 -0.65 -10.77 -4.32
CA GLU A 169 -1.20 -12.05 -3.88
C GLU A 169 -1.88 -11.93 -2.53
N ALA A 170 -1.28 -11.16 -1.61
CA ALA A 170 -1.90 -10.94 -0.31
C ALA A 170 -3.25 -10.23 -0.47
N ALA A 171 -3.31 -9.27 -1.39
CA ALA A 171 -4.57 -8.57 -1.62
C ALA A 171 -5.64 -9.53 -2.15
N LYS A 172 -5.27 -10.41 -3.08
CA LYS A 172 -6.23 -11.37 -3.60
C LYS A 172 -6.72 -12.30 -2.51
N LYS A 173 -5.84 -12.72 -1.61
CA LYS A 173 -6.25 -13.60 -0.51
C LYS A 173 -7.23 -12.90 0.43
N GLN A 174 -6.97 -11.63 0.73
CA GLN A 174 -7.88 -10.87 1.59
C GLN A 174 -9.23 -10.69 0.91
N PHE A 175 -9.24 -10.41 -0.39
CA PHE A 175 -10.51 -10.26 -1.11
C PHE A 175 -11.36 -11.52 -0.98
N LYS A 176 -10.73 -12.67 -1.21
CA LYS A 176 -11.47 -13.93 -1.09
C LYS A 176 -12.00 -14.13 0.33
N LYS A 177 -11.26 -13.70 1.35
CA LYS A 177 -11.74 -13.79 2.71
C LYS A 177 -12.93 -12.86 2.94
N TYR A 178 -12.85 -11.63 2.43
CA TYR A 178 -13.87 -10.63 2.72
C TYR A 178 -15.19 -10.88 2.00
N THR A 179 -15.20 -11.71 0.95
CA THR A 179 -16.39 -11.90 0.14
C THR A 179 -16.88 -13.34 0.15
N SER A 180 -16.39 -14.18 1.05
CA SER A 180 -16.89 -15.56 1.17
C SER A 180 -17.91 -15.67 2.30
NA NA B . 3.36 10.97 -9.59
#